data_6M9U
#
_entry.id   6M9U
#
_cell.length_a   168.371
_cell.length_b   168.371
_cell.length_c   126.961
_cell.angle_alpha   90.000
_cell.angle_beta   90.000
_cell.angle_gamma   90.000
#
_symmetry.space_group_name_H-M   'I 4 2 2'
#
loop_
_entity.id
_entity.type
_entity.pdbx_description
1 polymer 'Oxidoreductase, short chain dehydrogenase/reductase family protein'
2 non-polymer 'ISOPROPYL ALCOHOL'
3 non-polymer '2-(N-MORPHOLINO)-ETHANESULFONIC ACID'
4 non-polymer 1,2-ETHANEDIOL
5 non-polymer 'TRIETHYLENE GLYCOL'
6 non-polymer DI(HYDROXYETHYL)ETHER
7 non-polymer 'TETRAETHYLENE GLYCOL'
8 non-polymer 'CHLORIDE ION'
9 non-polymer IMIDAZOLE
10 water water
#
_entity_poly.entity_id   1
_entity_poly.type   'polypeptide(L)'
_entity_poly.pdbx_seq_one_letter_code
;TVEQIFDERYPLDKWKDSNYSILDKFSMRGRKGFVTGAAGGLGRNAAAALAQAGADVALVDLPSQEDKLTELAKDMSERF
GTNVIALTCDVTDTVQVAELKTQLVEQLGTVDFAFLNAGVNVPGDDQDATEEVWTRTININLNGTYRTGRIAHEIMREHG
HGGSLIFTASLSGHNANYMMGSPTPVNAYGATKAAIMEHSRYLAAALAKDGIRSNTISPGYVWSGIFNGRIDMPGHDAML
EVVPMHRFGTNDEIASTVLFLASDASSYVTGTDIRVDGGYSVF
;
_entity_poly.pdbx_strand_id   A,B
#
# COMPACT_ATOMS: atom_id res chain seq x y z
N PHE A 6 -2.69 -28.65 5.15
CA PHE A 6 -3.03 -27.70 4.09
C PHE A 6 -4.44 -27.08 4.34
N ASP A 7 -5.31 -28.12 4.61
CA ASP A 7 -6.70 -27.92 5.09
C ASP A 7 -6.86 -26.76 6.03
N GLU A 8 -6.14 -26.80 7.14
CA GLU A 8 -6.24 -25.77 8.17
C GLU A 8 -5.16 -24.70 8.09
N ARG A 9 -4.09 -24.94 7.32
CA ARG A 9 -2.96 -24.01 7.29
C ARG A 9 -3.24 -22.79 6.42
N TYR A 10 -4.04 -22.95 5.37
CA TYR A 10 -4.33 -21.87 4.44
C TYR A 10 -5.84 -21.75 4.31
N PRO A 11 -6.48 -20.93 5.14
CA PRO A 11 -7.94 -20.79 5.01
C PRO A 11 -8.27 -20.01 3.76
N LEU A 12 -9.46 -20.25 3.24
CA LEU A 12 -9.87 -19.70 1.97
C LEU A 12 -10.72 -18.47 2.12
N ASP A 13 -11.49 -18.37 3.23
CA ASP A 13 -12.46 -17.35 3.43
C ASP A 13 -12.49 -16.97 4.92
N LYS A 14 -11.37 -16.42 5.39
CA LYS A 14 -11.30 -15.91 6.75
C LYS A 14 -12.47 -15.02 7.11
N TRP A 15 -13.05 -14.33 6.12
CA TRP A 15 -14.15 -13.41 6.39
C TRP A 15 -15.40 -14.11 6.90
N LYS A 16 -15.45 -15.43 6.81
CA LYS A 16 -16.63 -16.17 7.25
C LYS A 16 -16.60 -16.41 8.75
N ASP A 17 -15.50 -16.08 9.41
CA ASP A 17 -15.43 -16.10 10.87
C ASP A 17 -15.84 -14.73 11.38
N SER A 18 -16.86 -14.69 12.23
CA SER A 18 -17.43 -13.42 12.67
C SER A 18 -16.56 -12.73 13.70
N ASN A 19 -15.60 -13.41 14.29
CA ASN A 19 -14.60 -12.77 15.16
C ASN A 19 -13.34 -12.34 14.39
N TYR A 20 -13.37 -12.38 13.06
CA TYR A 20 -12.30 -11.88 12.21
C TYR A 20 -12.71 -10.53 11.61
N SER A 21 -11.76 -9.61 11.52
CA SER A 21 -12.00 -8.39 10.76
C SER A 21 -10.75 -8.01 9.96
N ILE A 22 -10.96 -7.65 8.69
CA ILE A 22 -9.88 -7.21 7.84
C ILE A 22 -9.28 -5.90 8.34
N LEU A 23 -10.02 -5.14 9.15
CA LEU A 23 -9.55 -3.83 9.58
C LEU A 23 -8.59 -3.92 10.75
N ASP A 24 -8.68 -4.99 11.55
CA ASP A 24 -7.65 -5.23 12.55
C ASP A 24 -6.28 -5.38 11.93
N LYS A 25 -6.21 -5.83 10.69
CA LYS A 25 -4.91 -5.97 10.05
C LYS A 25 -4.16 -4.63 10.04
N PHE A 26 -4.90 -3.53 10.01
CA PHE A 26 -4.26 -2.25 9.90
C PHE A 26 -3.94 -1.63 11.25
N SER A 27 -4.36 -2.27 12.33
CA SER A 27 -4.09 -1.76 13.66
C SER A 27 -2.65 -2.05 14.03
N MET A 28 -2.10 -1.18 14.89
CA MET A 28 -0.75 -1.37 15.43
C MET A 28 -0.79 -1.53 16.93
N ARG A 29 -1.93 -1.95 17.46
CA ARG A 29 -2.04 -2.12 18.90
C ARG A 29 -1.12 -3.25 19.32
N GLY A 30 -0.35 -3.02 20.36
CA GLY A 30 0.57 -4.02 20.87
C GLY A 30 1.94 -3.96 20.28
N ARG A 31 2.15 -3.10 19.28
CA ARG A 31 3.40 -3.01 18.55
C ARG A 31 4.24 -1.85 19.05
N LYS A 32 5.54 -2.00 18.87
CA LYS A 32 6.52 -1.02 19.30
C LYS A 32 7.53 -0.87 18.19
N GLY A 33 8.05 0.34 18.04
CA GLY A 33 9.04 0.54 17.00
C GLY A 33 9.51 1.97 16.98
N PHE A 34 10.24 2.30 15.92
CA PHE A 34 10.87 3.62 15.90
C PHE A 34 10.92 4.14 14.49
N VAL A 35 11.18 5.45 14.40
CA VAL A 35 11.19 6.21 13.15
C VAL A 35 12.37 7.13 13.18
N THR A 36 13.21 7.09 12.17
CA THR A 36 14.36 7.99 12.08
C THR A 36 13.98 9.17 11.21
N GLY A 37 14.83 10.19 11.23
CA GLY A 37 14.44 11.46 10.60
C GLY A 37 13.16 12.02 11.15
N ALA A 38 12.87 11.76 12.44
CA ALA A 38 11.52 11.93 12.98
C ALA A 38 11.14 13.36 13.27
N ALA A 39 12.07 14.29 13.18
CA ALA A 39 11.70 15.69 13.27
C ALA A 39 11.25 16.26 11.93
N GLY A 40 11.61 15.59 10.83
CA GLY A 40 11.21 16.08 9.52
C GLY A 40 9.79 15.69 9.19
N GLY A 41 9.29 16.27 8.08
CA GLY A 41 7.95 16.02 7.58
C GLY A 41 7.54 14.56 7.51
N LEU A 42 8.27 13.74 6.71
CA LEU A 42 7.87 12.34 6.54
C LEU A 42 7.94 11.58 7.84
N GLY A 43 9.00 11.76 8.58
CA GLY A 43 9.19 10.98 9.79
C GLY A 43 8.13 11.25 10.85
N ARG A 44 7.87 12.51 11.16
CA ARG A 44 6.91 12.79 12.22
C ARG A 44 5.48 12.40 11.78
N ASN A 45 5.11 12.66 10.51
CA ASN A 45 3.81 12.21 10.02
C ASN A 45 3.69 10.68 10.07
N ALA A 46 4.77 9.96 9.72
CA ALA A 46 4.70 8.50 9.78
C ALA A 46 4.63 7.98 11.21
N ALA A 47 5.42 8.60 12.12
CA ALA A 47 5.30 8.33 13.56
C ALA A 47 3.86 8.59 14.07
N ALA A 48 3.26 9.74 13.71
CA ALA A 48 1.91 10.01 14.17
C ALA A 48 0.92 8.98 13.62
N ALA A 49 1.15 8.50 12.39
CA ALA A 49 0.23 7.49 11.83
C ALA A 49 0.33 6.17 12.59
N LEU A 50 1.56 5.79 12.92
CA LEU A 50 1.77 4.53 13.61
C LEU A 50 1.23 4.62 15.03
N ALA A 51 1.43 5.77 15.67
CA ALA A 51 0.91 5.96 17.02
C ALA A 51 -0.60 6.01 17.04
N GLN A 52 -1.20 6.81 16.12
CA GLN A 52 -2.68 6.80 16.02
C GLN A 52 -3.20 5.38 15.80
N ALA A 53 -2.48 4.57 15.06
CA ALA A 53 -2.97 3.22 14.81
C ALA A 53 -2.76 2.29 15.98
N GLY A 54 -2.10 2.74 17.06
CA GLY A 54 -1.98 1.92 18.23
C GLY A 54 -0.59 1.58 18.68
N ALA A 55 0.45 2.03 17.99
CA ALA A 55 1.82 1.67 18.33
C ALA A 55 2.46 2.63 19.32
N ASP A 56 3.26 2.06 20.24
CA ASP A 56 4.35 2.81 20.88
C ASP A 56 5.50 3.06 19.89
N VAL A 57 6.05 4.26 19.91
CA VAL A 57 6.95 4.75 18.88
C VAL A 57 8.06 5.58 19.52
N ALA A 58 9.31 5.28 19.17
CA ALA A 58 10.43 6.17 19.49
C ALA A 58 10.72 7.08 18.29
N LEU A 59 10.81 8.38 18.52
CA LEU A 59 11.19 9.34 17.50
C LEU A 59 12.70 9.59 17.56
N VAL A 60 13.43 9.17 16.53
CA VAL A 60 14.89 9.26 16.49
C VAL A 60 15.28 10.32 15.47
N ASP A 61 16.17 11.23 15.88
CA ASP A 61 16.76 12.21 14.97
C ASP A 61 18.04 12.75 15.63
N LEU A 62 18.66 13.74 15.01
CA LEU A 62 19.94 14.27 15.52
C LEU A 62 19.79 14.96 16.86
N PRO A 63 20.84 14.93 17.68
CA PRO A 63 20.85 15.72 18.93
C PRO A 63 20.47 17.20 18.80
N SER A 64 20.79 17.87 17.69
CA SER A 64 20.33 19.23 17.52
C SER A 64 18.81 19.37 17.45
N GLN A 65 18.05 18.28 17.32
CA GLN A 65 16.58 18.33 17.25
C GLN A 65 15.93 17.89 18.56
N GLU A 66 16.71 17.79 19.64
CA GLU A 66 16.19 17.20 20.86
C GLU A 66 14.92 17.90 21.34
N ASP A 67 14.85 19.23 21.23
CA ASP A 67 13.69 19.94 21.74
C ASP A 67 12.48 19.67 20.86
N LYS A 68 12.63 19.84 19.54
CA LYS A 68 11.61 19.47 18.58
C LYS A 68 11.12 18.06 18.84
N LEU A 69 12.02 17.11 19.04
CA LEU A 69 11.57 15.74 19.23
C LEU A 69 10.81 15.59 20.53
N THR A 70 11.21 16.33 21.54
CA THR A 70 10.59 16.23 22.85
C THR A 70 9.17 16.75 22.78
N GLU A 71 8.97 17.88 22.10
CA GLU A 71 7.63 18.42 21.90
C GLU A 71 6.79 17.51 21.01
N LEU A 72 7.40 16.92 19.97
CA LEU A 72 6.66 16.04 19.10
C LEU A 72 6.23 14.80 19.86
N ALA A 73 7.10 14.26 20.69
CA ALA A 73 6.71 13.07 21.44
C ALA A 73 5.52 13.36 22.35
N LYS A 74 5.50 14.55 22.96
CA LYS A 74 4.39 14.92 23.83
C LYS A 74 3.11 15.12 23.02
N ASP A 75 3.19 15.92 21.94
CA ASP A 75 2.05 16.12 21.06
C ASP A 75 1.37 14.81 20.69
N MET A 76 2.15 13.76 20.40
CA MET A 76 1.61 12.50 19.93
C MET A 76 1.21 11.59 21.08
N SER A 77 1.96 11.61 22.18
CA SER A 77 1.52 10.88 23.36
C SER A 77 0.14 11.38 23.79
N GLU A 78 -0.06 12.71 23.76
CA GLU A 78 -1.31 13.27 24.21
C GLU A 78 -2.45 12.92 23.28
N ARG A 79 -2.25 13.12 21.98
CA ARG A 79 -3.29 12.89 21.01
C ARG A 79 -3.72 11.43 20.90
N PHE A 80 -2.79 10.48 21.01
CA PHE A 80 -3.11 9.11 20.64
C PHE A 80 -2.98 8.10 21.76
N GLY A 81 -2.54 8.51 22.95
CA GLY A 81 -2.64 7.58 24.06
C GLY A 81 -1.66 6.43 24.08
N THR A 82 -0.62 6.45 23.28
CA THR A 82 0.41 5.41 23.34
C THR A 82 1.69 6.03 23.88
N ASN A 83 2.67 5.18 24.16
CA ASN A 83 3.98 5.67 24.61
C ASN A 83 4.80 6.12 23.41
N VAL A 84 4.89 7.43 23.18
CA VAL A 84 5.77 8.00 22.18
C VAL A 84 6.90 8.75 22.88
N ILE A 85 8.16 8.37 22.58
CA ILE A 85 9.34 8.95 23.22
C ILE A 85 10.29 9.52 22.18
N ALA A 86 11.14 10.42 22.62
CA ALA A 86 12.19 11.01 21.77
C ALA A 86 13.55 10.47 22.20
N LEU A 87 14.32 9.97 21.23
CA LEU A 87 15.67 9.45 21.44
C LEU A 87 16.57 10.09 20.39
N THR A 88 17.42 11.01 20.79
CA THR A 88 18.39 11.54 19.84
C THR A 88 19.50 10.52 19.60
N CYS A 89 20.13 10.67 18.45
CA CYS A 89 21.21 9.77 18.05
C CYS A 89 21.85 10.32 16.79
N ASP A 90 23.17 10.43 16.78
CA ASP A 90 23.91 10.64 15.55
C ASP A 90 24.26 9.25 15.01
N VAL A 91 23.54 8.82 13.96
CA VAL A 91 23.57 7.42 13.51
C VAL A 91 24.79 7.11 12.65
N THR A 92 25.63 8.10 12.35
CA THR A 92 26.95 7.90 11.76
C THR A 92 28.01 7.56 12.79
N ASP A 93 27.65 7.53 14.06
CA ASP A 93 28.53 7.18 15.17
C ASP A 93 28.06 5.84 15.70
N THR A 94 28.87 4.79 15.49
CA THR A 94 28.48 3.43 15.87
C THR A 94 28.34 3.30 17.38
N VAL A 95 29.03 4.14 18.15
CA VAL A 95 28.91 4.12 19.59
C VAL A 95 27.50 4.56 19.99
N GLN A 96 27.06 5.70 19.46
CA GLN A 96 25.70 6.17 19.68
C GLN A 96 24.67 5.16 19.22
N VAL A 97 24.87 4.52 18.05
CA VAL A 97 23.89 3.56 17.57
C VAL A 97 23.80 2.38 18.51
N ALA A 98 24.93 2.02 19.11
CA ALA A 98 24.94 0.97 20.11
C ALA A 98 24.11 1.38 21.32
N GLU A 99 24.23 2.64 21.75
CA GLU A 99 23.42 3.12 22.88
C GLU A 99 21.95 3.26 22.47
N LEU A 100 21.68 3.69 21.24
CA LEU A 100 20.30 3.72 20.74
C LEU A 100 19.65 2.35 20.83
N LYS A 101 20.39 1.31 20.54
CA LYS A 101 19.82 -0.03 20.58
C LYS A 101 19.43 -0.40 22.00
N THR A 102 20.29 -0.06 22.97
CA THR A 102 20.00 -0.37 24.36
C THR A 102 18.81 0.44 24.85
N GLN A 103 18.78 1.74 24.52
CA GLN A 103 17.69 2.60 24.97
C GLN A 103 16.36 2.15 24.40
N LEU A 104 16.33 1.75 23.12
CA LEU A 104 15.10 1.22 22.53
C LEU A 104 14.60 0.03 23.33
N VAL A 105 15.47 -0.94 23.60
CA VAL A 105 15.02 -2.13 24.33
C VAL A 105 14.56 -1.76 25.73
N GLU A 106 15.23 -0.77 26.35
CA GLU A 106 14.88 -0.38 27.71
C GLU A 106 13.57 0.38 27.75
N GLN A 107 13.40 1.38 26.88
CA GLN A 107 12.25 2.26 26.94
C GLN A 107 11.02 1.77 26.19
N LEU A 108 11.17 0.84 25.23
CA LEU A 108 10.02 0.28 24.53
C LEU A 108 9.76 -1.17 24.85
N GLY A 109 10.81 -1.94 25.17
CA GLY A 109 10.64 -3.36 25.42
C GLY A 109 11.08 -4.24 24.27
N THR A 110 10.70 -3.86 23.04
CA THR A 110 11.17 -4.57 21.87
C THR A 110 10.99 -3.65 20.67
N VAL A 111 11.41 -4.14 19.49
CA VAL A 111 11.12 -3.46 18.23
C VAL A 111 10.45 -4.45 17.30
N ASP A 112 9.27 -4.05 16.80
CA ASP A 112 8.44 -4.75 15.83
C ASP A 112 8.48 -4.13 14.46
N PHE A 113 8.82 -2.85 14.36
CA PHE A 113 8.85 -2.18 13.07
C PHE A 113 9.88 -1.08 13.14
N ALA A 114 10.39 -0.69 11.98
CA ALA A 114 11.22 0.51 11.94
C ALA A 114 11.02 1.17 10.59
N PHE A 115 11.01 2.51 10.59
CA PHE A 115 10.85 3.31 9.39
C PHE A 115 12.17 4.07 9.33
N LEU A 116 13.07 3.58 8.48
CA LEU A 116 14.41 4.12 8.32
C LEU A 116 14.35 5.16 7.21
N ASN A 117 14.43 6.42 7.60
CA ASN A 117 13.93 7.52 6.77
C ASN A 117 15.10 8.44 6.53
N ALA A 118 15.90 8.08 5.51
CA ALA A 118 17.14 8.75 5.14
C ALA A 118 16.95 10.06 4.38
N GLY A 119 17.74 11.07 4.74
CA GLY A 119 17.66 12.37 4.09
C GLY A 119 18.81 12.64 3.12
N VAL A 120 18.49 13.35 2.03
CA VAL A 120 19.44 13.70 0.96
C VAL A 120 19.28 15.19 0.67
N ASN A 121 20.19 16.03 1.14
CA ASN A 121 21.28 15.72 2.05
C ASN A 121 21.71 17.03 2.72
N THR A 130 35.08 17.89 -4.51
CA THR A 130 33.64 17.84 -4.24
C THR A 130 33.05 16.59 -4.91
N GLU A 131 33.89 15.92 -5.71
CA GLU A 131 33.50 14.63 -6.29
C GLU A 131 33.74 13.49 -5.30
N GLU A 132 34.98 13.40 -4.77
CA GLU A 132 35.27 12.50 -3.67
C GLU A 132 34.35 12.76 -2.49
N VAL A 133 34.03 14.04 -2.24
CA VAL A 133 33.26 14.40 -1.05
C VAL A 133 31.80 14.00 -1.22
N TRP A 134 31.24 14.21 -2.42
CA TRP A 134 29.86 13.80 -2.62
C TRP A 134 29.69 12.29 -2.41
N THR A 135 30.62 11.47 -2.94
CA THR A 135 30.49 10.02 -2.80
C THR A 135 30.68 9.62 -1.33
N ARG A 136 31.60 10.29 -0.64
CA ARG A 136 31.80 10.01 0.77
C ARG A 136 30.58 10.41 1.60
N THR A 137 29.99 11.56 1.30
CA THR A 137 28.82 11.99 2.06
C THR A 137 27.68 11.00 1.88
N ILE A 138 27.43 10.59 0.63
CA ILE A 138 26.37 9.63 0.37
C ILE A 138 26.60 8.33 1.11
N ASN A 139 27.86 7.82 1.14
CA ASN A 139 28.09 6.48 1.70
C ASN A 139 28.02 6.50 3.22
N ILE A 140 28.43 7.62 3.83
CA ILE A 140 28.24 7.82 5.26
C ILE A 140 26.75 7.87 5.61
N ASN A 141 25.97 8.62 4.83
CA ASN A 141 24.53 8.69 5.03
C ASN A 141 23.88 7.31 4.87
N LEU A 142 24.18 6.63 3.77
CA LEU A 142 23.69 5.26 3.61
C LEU A 142 24.01 4.38 4.80
N ASN A 143 25.26 4.45 5.28
CA ASN A 143 25.69 3.52 6.32
C ASN A 143 24.97 3.82 7.62
N GLY A 144 24.63 5.09 7.87
CA GLY A 144 23.77 5.42 9.00
C GLY A 144 22.40 4.76 8.90
N THR A 145 21.81 4.78 7.71
CA THR A 145 20.57 4.05 7.49
C THR A 145 20.76 2.56 7.66
N TYR A 146 21.81 2.00 7.06
CA TYR A 146 21.98 0.56 7.17
C TYR A 146 22.11 0.13 8.62
N ARG A 147 22.87 0.86 9.46
CA ARG A 147 23.07 0.31 10.81
C ARG A 147 21.88 0.52 11.75
N THR A 148 21.07 1.56 11.53
CA THR A 148 19.81 1.66 12.30
C THR A 148 18.82 0.60 11.83
N GLY A 149 18.75 0.36 10.53
CA GLY A 149 18.03 -0.82 10.08
C GLY A 149 18.51 -2.08 10.76
N ARG A 150 19.83 -2.17 10.96
CA ARG A 150 20.43 -3.40 11.49
C ARG A 150 20.05 -3.64 12.93
N ILE A 151 20.15 -2.62 13.78
CA ILE A 151 19.77 -2.84 15.19
C ILE A 151 18.32 -3.20 15.29
N ALA A 152 17.50 -2.70 14.36
CA ALA A 152 16.09 -3.07 14.37
C ALA A 152 15.92 -4.58 14.22
N HIS A 153 16.52 -5.18 13.17
CA HIS A 153 16.30 -6.63 13.03
C HIS A 153 17.19 -7.45 13.97
N GLU A 154 18.30 -6.89 14.47
CA GLU A 154 18.98 -7.56 15.59
C GLU A 154 18.03 -7.68 16.79
N ILE A 155 17.27 -6.63 17.11
CA ILE A 155 16.38 -6.69 18.25
C ILE A 155 15.27 -7.71 18.01
N MET A 156 14.67 -7.69 16.81
CA MET A 156 13.63 -8.67 16.49
C MET A 156 14.16 -10.08 16.70
N ARG A 157 15.33 -10.38 16.14
CA ARG A 157 15.84 -11.75 16.22
C ARG A 157 16.26 -12.12 17.64
N GLU A 158 16.93 -11.20 18.34
CA GLU A 158 17.26 -11.48 19.74
C GLU A 158 16.01 -11.84 20.56
N HIS A 159 14.90 -11.12 20.35
CA HIS A 159 13.69 -11.34 21.14
C HIS A 159 12.80 -12.44 20.59
N GLY A 160 13.17 -13.06 19.48
CA GLY A 160 12.46 -14.23 19.01
C GLY A 160 11.18 -14.00 18.22
N HIS A 161 11.00 -12.83 17.60
CA HIS A 161 9.78 -12.52 16.88
C HIS A 161 10.07 -11.78 15.58
N GLY A 162 9.03 -11.68 14.75
CA GLY A 162 9.14 -11.00 13.46
C GLY A 162 9.02 -9.49 13.56
N GLY A 163 8.82 -8.88 12.39
CA GLY A 163 8.79 -7.44 12.32
C GLY A 163 8.76 -6.98 10.87
N SER A 164 8.91 -5.68 10.68
CA SER A 164 8.77 -5.06 9.37
C SER A 164 9.70 -3.87 9.29
N LEU A 165 10.52 -3.81 8.25
CA LEU A 165 11.39 -2.65 8.02
C LEU A 165 10.92 -1.88 6.79
N ILE A 166 10.95 -0.54 6.89
CA ILE A 166 10.58 0.34 5.78
C ILE A 166 11.67 1.37 5.59
N PHE A 167 12.19 1.48 4.36
CA PHE A 167 13.26 2.38 4.01
C PHE A 167 12.76 3.37 2.97
N THR A 168 13.09 4.64 3.15
CA THR A 168 12.90 5.61 2.08
C THR A 168 14.04 6.61 2.12
N ALA A 169 14.29 7.23 0.97
CA ALA A 169 15.13 8.41 0.87
C ALA A 169 14.30 9.56 0.29
N SER A 170 14.52 10.75 0.81
CA SER A 170 13.80 11.93 0.38
C SER A 170 14.77 13.09 0.41
N LEU A 171 14.41 14.19 -0.26
CA LEU A 171 15.20 15.40 -0.15
C LEU A 171 15.04 16.02 1.23
N SER A 172 16.12 16.58 1.76
CA SER A 172 16.17 17.09 3.12
C SER A 172 16.26 18.62 3.16
N VAL A 186 20.45 15.32 -7.21
CA VAL A 186 19.47 14.54 -7.99
C VAL A 186 20.10 13.24 -8.50
N ASN A 187 21.32 13.32 -9.08
CA ASN A 187 22.10 12.10 -9.25
C ASN A 187 22.59 11.58 -7.90
N ALA A 188 22.71 12.48 -6.92
CA ALA A 188 22.97 12.07 -5.55
C ALA A 188 21.74 11.43 -4.93
N TYR A 189 20.54 11.97 -5.21
CA TYR A 189 19.31 11.32 -4.78
C TYR A 189 19.11 10.00 -5.53
N GLY A 190 19.39 9.97 -6.83
CA GLY A 190 19.22 8.75 -7.58
C GLY A 190 20.13 7.65 -7.10
N ALA A 191 21.38 8.02 -6.79
CA ALA A 191 22.38 7.06 -6.30
C ALA A 191 21.95 6.47 -4.96
N THR A 192 21.48 7.36 -4.05
CA THR A 192 21.01 6.92 -2.73
C THR A 192 19.83 5.98 -2.87
N LYS A 193 18.90 6.29 -3.78
CA LYS A 193 17.69 5.48 -3.93
C LYS A 193 18.05 4.08 -4.40
N ALA A 194 18.93 3.98 -5.41
CA ALA A 194 19.32 2.65 -5.90
C ALA A 194 19.99 1.81 -4.81
N ALA A 195 20.88 2.42 -4.01
CA ALA A 195 21.56 1.66 -2.97
C ALA A 195 20.58 1.12 -1.93
N ILE A 196 19.67 1.99 -1.45
CA ILE A 196 18.70 1.58 -0.44
C ILE A 196 17.81 0.48 -0.98
N MET A 197 17.39 0.59 -2.23
CA MET A 197 16.57 -0.48 -2.79
C MET A 197 17.32 -1.82 -2.81
N GLU A 198 18.58 -1.82 -3.25
CA GLU A 198 19.35 -3.06 -3.21
C GLU A 198 19.44 -3.56 -1.77
N HIS A 199 19.73 -2.69 -0.81
CA HIS A 199 19.85 -3.11 0.59
C HIS A 199 18.57 -3.78 1.05
N SER A 200 17.43 -3.19 0.74
CA SER A 200 16.17 -3.76 1.21
C SER A 200 15.86 -5.07 0.50
N ARG A 201 16.14 -5.16 -0.81
CA ARG A 201 16.01 -6.48 -1.47
C ARG A 201 16.85 -7.56 -0.77
N TYR A 202 18.11 -7.25 -0.45
CA TYR A 202 18.95 -8.23 0.23
C TYR A 202 18.36 -8.60 1.59
N LEU A 203 18.03 -7.60 2.41
CA LEU A 203 17.44 -7.87 3.72
C LEU A 203 16.17 -8.73 3.61
N ALA A 204 15.33 -8.45 2.61
CA ALA A 204 14.08 -9.18 2.51
C ALA A 204 14.34 -10.65 2.24
N ALA A 205 15.32 -10.93 1.38
CA ALA A 205 15.70 -12.31 1.06
C ALA A 205 16.32 -13.01 2.26
N ALA A 206 17.23 -12.33 2.96
CA ALA A 206 17.99 -12.93 4.05
C ALA A 206 17.15 -13.12 5.31
N LEU A 207 16.13 -12.28 5.56
CA LEU A 207 15.45 -12.28 6.86
C LEU A 207 14.03 -12.84 6.81
N ALA A 208 13.51 -13.18 5.63
CA ALA A 208 12.20 -13.79 5.56
C ALA A 208 12.07 -15.00 6.49
N LYS A 209 13.11 -15.81 6.60
CA LYS A 209 13.05 -16.97 7.47
C LYS A 209 12.78 -16.57 8.92
N ASP A 210 13.23 -15.38 9.32
CA ASP A 210 13.10 -14.89 10.70
C ASP A 210 11.81 -14.12 10.92
N GLY A 211 10.90 -14.14 9.94
CA GLY A 211 9.65 -13.41 10.02
C GLY A 211 9.77 -11.92 9.86
N ILE A 212 10.81 -11.43 9.17
CA ILE A 212 11.09 -10.01 9.06
C ILE A 212 10.99 -9.62 7.59
N ARG A 213 10.09 -8.68 7.29
CA ARG A 213 9.87 -8.12 5.97
C ARG A 213 10.68 -6.82 5.82
N SER A 214 11.03 -6.50 4.59
CA SER A 214 11.73 -5.24 4.30
C SER A 214 11.18 -4.74 2.98
N ASN A 215 10.81 -3.45 2.94
CA ASN A 215 10.25 -2.82 1.74
C ASN A 215 10.71 -1.38 1.71
N THR A 216 10.54 -0.75 0.56
CA THR A 216 10.86 0.65 0.40
C THR A 216 9.61 1.41 -0.06
N ILE A 217 9.66 2.73 0.16
CA ILE A 217 8.65 3.64 -0.35
C ILE A 217 9.37 4.67 -1.20
N SER A 218 8.88 4.89 -2.42
CA SER A 218 9.48 5.90 -3.29
C SER A 218 8.54 7.08 -3.44
N PRO A 219 8.75 8.15 -2.69
CA PRO A 219 7.84 9.30 -2.79
C PRO A 219 8.15 10.13 -4.02
N GLY A 220 7.12 10.75 -4.57
CA GLY A 220 7.27 11.77 -5.61
C GLY A 220 7.43 13.15 -5.00
N TYR A 221 6.88 14.18 -5.60
CA TYR A 221 6.92 15.52 -5.00
C TYR A 221 5.98 15.63 -3.81
N VAL A 222 6.53 15.82 -2.64
CA VAL A 222 5.78 16.00 -1.40
C VAL A 222 6.04 17.40 -0.87
N TRP A 223 4.98 18.07 -0.48
CA TRP A 223 5.06 19.43 0.06
C TRP A 223 5.59 19.44 1.48
N SER A 224 6.70 20.17 1.72
CA SER A 224 7.10 20.56 3.09
C SER A 224 7.68 21.98 3.13
N GLY A 225 6.87 22.94 2.69
CA GLY A 225 7.10 24.36 2.94
C GLY A 225 8.25 24.99 2.17
N ASP A 232 6.64 30.10 -5.08
CA ASP A 232 5.92 30.87 -6.07
C ASP A 232 4.83 30.06 -6.82
N MET A 233 3.62 30.63 -6.88
CA MET A 233 2.50 29.90 -7.48
C MET A 233 2.72 29.47 -8.93
N PRO A 234 3.42 30.21 -9.78
CA PRO A 234 3.78 29.65 -11.08
C PRO A 234 4.94 28.66 -11.05
N GLY A 235 5.93 28.83 -10.16
CA GLY A 235 6.90 27.78 -9.94
C GLY A 235 6.30 26.52 -9.36
N HIS A 236 5.09 26.62 -8.80
CA HIS A 236 4.23 25.51 -8.40
C HIS A 236 3.87 24.68 -9.61
N ASP A 237 2.93 25.19 -10.43
CA ASP A 237 2.49 24.50 -11.63
C ASP A 237 3.65 24.18 -12.57
N ALA A 238 4.82 24.75 -12.28
CA ALA A 238 6.01 24.48 -13.07
C ALA A 238 6.35 23.00 -13.04
N MET A 239 6.70 22.46 -11.86
CA MET A 239 7.06 21.04 -11.78
C MET A 239 5.84 20.13 -11.68
N LEU A 240 4.66 20.68 -11.37
CA LEU A 240 3.48 19.86 -11.45
C LEU A 240 3.06 19.56 -12.88
N GLU A 241 3.62 20.22 -13.89
CA GLU A 241 3.19 20.00 -15.26
C GLU A 241 3.50 18.58 -15.72
N VAL A 242 4.37 17.86 -15.02
CA VAL A 242 4.67 16.48 -15.35
C VAL A 242 4.16 15.52 -14.29
N VAL A 243 3.35 15.99 -13.35
CA VAL A 243 2.66 15.13 -12.41
C VAL A 243 1.20 15.01 -12.86
N PRO A 244 0.76 13.82 -13.31
CA PRO A 244 -0.65 13.68 -13.77
C PRO A 244 -1.71 14.22 -12.81
N MET A 245 -1.59 13.91 -11.52
CA MET A 245 -2.52 14.51 -10.55
C MET A 245 -2.35 16.02 -10.39
N HIS A 246 -1.27 16.61 -10.93
CA HIS A 246 -1.12 18.06 -10.97
CA HIS A 246 -1.11 18.05 -10.96
C HIS A 246 -1.23 18.67 -9.57
N ARG A 247 -0.77 17.96 -8.55
CA ARG A 247 -0.61 18.51 -7.23
C ARG A 247 0.58 17.80 -6.58
N PHE A 248 1.19 18.46 -5.58
CA PHE A 248 2.09 17.82 -4.64
C PHE A 248 1.33 16.84 -3.78
N GLY A 249 2.00 15.79 -3.38
CA GLY A 249 1.56 14.99 -2.26
C GLY A 249 1.75 15.72 -0.95
N THR A 250 1.21 15.15 0.13
CA THR A 250 1.36 15.61 1.50
C THR A 250 1.91 14.50 2.37
N ASN A 251 2.50 14.90 3.48
CA ASN A 251 3.26 14.00 4.32
C ASN A 251 2.40 12.81 4.77
N ASP A 252 1.10 13.06 5.04
CA ASP A 252 0.18 12.01 5.47
C ASP A 252 -0.01 10.94 4.38
N GLU A 253 0.16 11.31 3.10
CA GLU A 253 -0.01 10.34 2.01
C GLU A 253 1.13 9.34 1.94
N ILE A 254 2.29 9.69 2.49
CA ILE A 254 3.37 8.74 2.70
C ILE A 254 3.16 8.01 4.02
N ALA A 255 2.68 8.71 5.03
CA ALA A 255 2.48 8.04 6.32
C ALA A 255 1.52 6.85 6.20
N SER A 256 0.43 7.00 5.42
CA SER A 256 -0.49 5.87 5.35
C SER A 256 0.13 4.68 4.63
N THR A 257 1.02 4.92 3.67
CA THR A 257 1.73 3.80 3.05
C THR A 257 2.70 3.17 4.05
N VAL A 258 3.35 3.99 4.86
CA VAL A 258 4.22 3.44 5.90
C VAL A 258 3.42 2.53 6.81
N LEU A 259 2.20 2.95 7.17
CA LEU A 259 1.36 2.14 8.06
C LEU A 259 0.95 0.84 7.38
N PHE A 260 0.62 0.91 6.10
CA PHE A 260 0.27 -0.33 5.38
C PHE A 260 1.45 -1.32 5.47
N LEU A 261 2.69 -0.86 5.20
CA LEU A 261 3.83 -1.77 5.18
C LEU A 261 4.21 -2.25 6.58
N ALA A 262 3.93 -1.44 7.59
CA ALA A 262 4.29 -1.82 8.95
C ALA A 262 3.33 -2.83 9.54
N SER A 263 2.07 -2.82 9.10
CA SER A 263 1.03 -3.61 9.71
C SER A 263 0.88 -4.95 9.03
N ASP A 264 0.09 -5.84 9.66
CA ASP A 264 -0.27 -7.13 9.08
C ASP A 264 -1.07 -7.02 7.80
N ALA A 265 -1.53 -5.85 7.41
CA ALA A 265 -2.19 -5.75 6.11
C ALA A 265 -1.27 -6.12 4.95
N SER A 266 0.03 -6.02 5.13
CA SER A 266 1.01 -6.25 4.08
C SER A 266 1.86 -7.46 4.42
N SER A 267 1.27 -8.46 5.12
CA SER A 267 2.01 -9.60 5.68
C SER A 267 2.64 -10.51 4.62
N TYR A 268 2.15 -10.52 3.39
CA TYR A 268 2.77 -11.24 2.32
C TYR A 268 3.55 -10.31 1.39
N VAL A 269 3.90 -9.13 1.86
CA VAL A 269 4.61 -8.15 1.02
C VAL A 269 6.02 -8.01 1.55
N THR A 270 7.01 -8.42 0.74
CA THR A 270 8.38 -8.16 1.12
C THR A 270 9.31 -8.14 -0.10
N GLY A 271 10.39 -7.38 0.03
CA GLY A 271 11.33 -7.21 -1.04
C GLY A 271 10.84 -6.36 -2.18
N THR A 272 9.88 -5.51 -1.93
CA THR A 272 9.44 -4.68 -3.03
C THR A 272 9.37 -3.19 -2.62
N ASP A 273 8.73 -2.40 -3.45
CA ASP A 273 8.72 -0.95 -3.36
C ASP A 273 7.30 -0.50 -3.65
N ILE A 274 6.86 0.54 -2.94
CA ILE A 274 5.61 1.22 -3.24
C ILE A 274 5.94 2.65 -3.62
N ARG A 275 5.59 3.02 -4.85
CA ARG A 275 5.78 4.35 -5.40
C ARG A 275 4.55 5.22 -5.09
N VAL A 276 4.81 6.40 -4.51
CA VAL A 276 3.77 7.29 -4.01
C VAL A 276 4.08 8.64 -4.60
N ASP A 277 3.68 8.86 -5.85
CA ASP A 277 4.18 9.99 -6.63
C ASP A 277 3.12 10.66 -7.50
N GLY A 278 1.84 10.40 -7.24
CA GLY A 278 0.76 11.10 -7.97
C GLY A 278 0.84 10.87 -9.47
N GLY A 279 1.46 9.76 -9.90
CA GLY A 279 1.55 9.48 -11.30
C GLY A 279 2.81 9.97 -11.99
N TYR A 280 3.78 10.50 -11.24
CA TYR A 280 4.99 11.06 -11.82
C TYR A 280 5.69 10.07 -12.75
N SER A 281 5.82 8.82 -12.31
CA SER A 281 6.51 7.84 -13.15
C SER A 281 5.76 7.40 -14.40
N VAL A 282 4.50 7.74 -14.63
CA VAL A 282 3.83 7.32 -15.86
C VAL A 282 3.47 8.49 -16.77
N PHE A 283 3.84 9.70 -16.42
CA PHE A 283 3.60 10.83 -17.34
C PHE A 283 4.29 10.52 -18.70
N THR B 1 -3.80 36.63 1.24
CA THR B 1 -3.74 35.28 0.70
C THR B 1 -2.61 35.16 -0.32
N VAL B 2 -1.41 34.81 0.15
CA VAL B 2 -0.26 34.59 -0.73
C VAL B 2 0.39 33.26 -0.35
N GLU B 3 0.88 33.17 0.88
CA GLU B 3 1.43 31.92 1.41
C GLU B 3 0.33 31.03 1.99
N GLN B 4 -0.68 31.62 2.64
CA GLN B 4 -1.79 30.88 3.22
C GLN B 4 -2.78 30.49 2.12
N ILE B 5 -2.31 29.62 1.24
CA ILE B 5 -3.08 28.96 0.20
C ILE B 5 -2.38 27.61 0.10
N PHE B 6 -1.06 27.67 -0.12
CA PHE B 6 -0.20 26.50 0.04
C PHE B 6 -0.40 25.86 1.42
N ASP B 7 -0.61 26.67 2.46
CA ASP B 7 -0.81 26.12 3.79
C ASP B 7 -2.21 25.53 3.93
N GLU B 8 -3.18 26.00 3.15
CA GLU B 8 -4.53 25.47 3.24
C GLU B 8 -4.69 24.17 2.42
N ARG B 9 -4.08 24.12 1.24
CA ARG B 9 -4.22 22.93 0.40
C ARG B 9 -3.10 21.91 0.61
N TYR B 10 -2.08 22.24 1.42
CA TYR B 10 -0.98 21.33 1.67
C TYR B 10 -0.59 21.37 3.14
N PRO B 11 -1.43 20.88 4.02
CA PRO B 11 -1.01 20.74 5.41
C PRO B 11 0.28 19.93 5.49
N LEU B 12 1.12 20.30 6.44
CA LEU B 12 2.33 19.55 6.74
C LEU B 12 2.11 18.49 7.79
N ASP B 13 1.05 18.63 8.60
CA ASP B 13 0.87 17.81 9.79
C ASP B 13 -0.63 17.62 10.07
N LYS B 14 -1.28 16.90 9.17
CA LYS B 14 -2.72 16.67 9.32
C LYS B 14 -3.02 16.04 10.67
N TRP B 15 -2.10 15.17 11.14
CA TRP B 15 -2.30 14.43 12.38
C TRP B 15 -2.46 15.35 13.59
N LYS B 16 -2.12 16.63 13.42
CA LYS B 16 -2.31 17.59 14.53
C LYS B 16 -3.77 17.93 14.73
N ASP B 17 -4.57 17.83 13.69
CA ASP B 17 -6.00 18.14 13.72
C ASP B 17 -6.82 17.02 14.34
N SER B 18 -7.66 17.34 15.33
CA SER B 18 -8.39 16.31 16.06
C SER B 18 -9.32 15.54 15.14
N ASN B 19 -9.79 16.17 14.08
CA ASN B 19 -10.65 15.49 13.12
C ASN B 19 -9.93 14.54 12.17
N TYR B 20 -8.59 14.54 12.12
CA TYR B 20 -7.88 13.59 11.27
C TYR B 20 -7.83 12.26 11.99
N SER B 21 -8.05 11.19 11.24
CA SER B 21 -7.94 9.83 11.79
C SER B 21 -7.32 8.94 10.72
N ILE B 22 -6.15 8.39 10.98
CA ILE B 22 -5.42 7.66 9.95
C ILE B 22 -6.20 6.43 9.53
N LEU B 23 -6.74 5.68 10.52
CA LEU B 23 -7.49 4.46 10.20
C LEU B 23 -8.75 4.75 9.37
N ASP B 24 -9.36 5.92 9.54
N ASP B 24 -9.36 5.93 9.54
CA ASP B 24 -10.55 6.23 8.73
CA ASP B 24 -10.53 6.25 8.73
C ASP B 24 -10.19 6.37 7.26
C ASP B 24 -10.19 6.37 7.26
N LYS B 25 -8.91 6.51 6.93
CA LYS B 25 -8.53 6.60 5.53
C LYS B 25 -8.68 5.26 4.83
N PHE B 26 -8.58 4.16 5.57
CA PHE B 26 -8.78 2.81 5.05
C PHE B 26 -10.24 2.39 5.05
N SER B 27 -11.14 3.25 5.50
CA SER B 27 -12.56 2.98 5.50
C SER B 27 -13.14 3.21 4.11
N MET B 28 -14.17 2.42 3.79
CA MET B 28 -14.92 2.54 2.54
C MET B 28 -16.38 2.91 2.79
N ARG B 29 -16.70 3.40 3.99
CA ARG B 29 -18.04 3.91 4.29
C ARG B 29 -18.41 5.02 3.30
N GLY B 30 -19.63 4.91 2.77
CA GLY B 30 -20.08 5.81 1.74
C GLY B 30 -19.66 5.44 0.33
N ARG B 31 -18.81 4.42 0.16
CA ARG B 31 -18.27 4.08 -1.15
C ARG B 31 -19.04 2.92 -1.76
N LYS B 32 -19.09 2.90 -3.09
CA LYS B 32 -19.79 1.86 -3.84
C LYS B 32 -18.89 1.39 -4.96
N GLY B 33 -18.93 0.09 -5.25
CA GLY B 33 -18.13 -0.42 -6.35
C GLY B 33 -18.38 -1.88 -6.65
N PHE B 34 -17.49 -2.43 -7.47
CA PHE B 34 -17.67 -3.80 -7.90
C PHE B 34 -16.36 -4.53 -8.05
N VAL B 35 -16.48 -5.83 -7.97
CA VAL B 35 -15.39 -6.80 -8.03
C VAL B 35 -15.75 -7.84 -9.08
N THR B 36 -14.86 -8.05 -10.04
CA THR B 36 -15.07 -9.09 -11.04
C THR B 36 -14.41 -10.39 -10.55
N GLY B 37 -14.77 -11.50 -11.19
CA GLY B 37 -14.20 -12.75 -10.73
C GLY B 37 -14.64 -13.08 -9.34
N ALA B 38 -15.77 -12.53 -8.94
CA ALA B 38 -16.15 -12.52 -7.54
C ALA B 38 -16.52 -13.87 -6.97
N ALA B 39 -16.74 -14.89 -7.80
CA ALA B 39 -17.04 -16.21 -7.23
C ALA B 39 -15.78 -16.92 -6.80
N GLY B 40 -14.62 -16.51 -7.34
CA GLY B 40 -13.35 -17.06 -6.93
C GLY B 40 -12.74 -16.51 -5.64
N GLY B 41 -11.62 -17.15 -5.28
CA GLY B 41 -11.03 -16.88 -3.97
C GLY B 41 -10.57 -15.44 -3.80
N LEU B 42 -9.82 -14.93 -4.79
CA LEU B 42 -9.36 -13.55 -4.71
C LEU B 42 -10.55 -12.59 -4.70
N GLY B 43 -11.49 -12.77 -5.63
CA GLY B 43 -12.56 -11.80 -5.78
C GLY B 43 -13.47 -11.72 -4.57
N ARG B 44 -13.94 -12.85 -4.10
CA ARG B 44 -14.92 -12.78 -3.02
C ARG B 44 -14.27 -12.32 -1.73
N ASN B 45 -12.98 -12.60 -1.53
CA ASN B 45 -12.32 -12.11 -0.33
C ASN B 45 -12.10 -10.61 -0.42
N ALA B 46 -11.65 -10.13 -1.59
CA ALA B 46 -11.56 -8.69 -1.81
C ALA B 46 -12.90 -8.01 -1.57
N ALA B 47 -13.97 -8.61 -2.08
CA ALA B 47 -15.31 -8.04 -1.92
C ALA B 47 -15.74 -8.02 -0.46
N ALA B 48 -15.48 -9.10 0.26
CA ALA B 48 -15.81 -9.14 1.67
C ALA B 48 -14.98 -8.13 2.46
N ALA B 49 -13.72 -7.92 2.06
CA ALA B 49 -12.89 -6.92 2.75
C ALA B 49 -13.45 -5.52 2.53
N LEU B 50 -13.86 -5.19 1.31
CA LEU B 50 -14.39 -3.87 1.03
C LEU B 50 -15.72 -3.64 1.73
N ALA B 51 -16.54 -4.68 1.79
CA ALA B 51 -17.84 -4.62 2.45
C ALA B 51 -17.69 -4.45 3.95
N GLN B 52 -16.74 -5.17 4.54
CA GLN B 52 -16.49 -5.04 5.96
C GLN B 52 -15.89 -3.66 6.28
N ALA B 53 -15.12 -3.09 5.35
CA ALA B 53 -14.62 -1.73 5.50
C ALA B 53 -15.72 -0.72 5.25
N GLY B 54 -16.91 -1.17 4.85
CA GLY B 54 -18.04 -0.28 4.70
C GLY B 54 -18.55 -0.02 3.30
N ALA B 55 -18.03 -0.65 2.25
CA ALA B 55 -18.57 -0.31 0.93
C ALA B 55 -19.81 -1.13 0.61
N ASP B 56 -20.68 -0.58 -0.25
CA ASP B 56 -21.59 -1.37 -1.06
C ASP B 56 -20.80 -1.98 -2.22
N VAL B 57 -21.08 -3.24 -2.55
CA VAL B 57 -20.29 -3.97 -3.55
C VAL B 57 -21.21 -4.80 -4.45
N ALA B 58 -20.96 -4.74 -5.75
CA ALA B 58 -21.54 -5.69 -6.69
C ALA B 58 -20.54 -6.78 -6.95
N LEU B 59 -20.97 -8.03 -6.73
CA LEU B 59 -20.14 -9.19 -7.07
C LEU B 59 -20.42 -9.52 -8.53
N VAL B 60 -19.38 -9.48 -9.36
CA VAL B 60 -19.53 -9.80 -10.78
C VAL B 60 -18.72 -11.05 -11.13
N ASP B 61 -19.37 -11.96 -11.85
CA ASP B 61 -18.73 -13.16 -12.43
C ASP B 61 -19.66 -13.73 -13.50
N LEU B 62 -19.27 -14.87 -14.05
CA LEU B 62 -19.96 -15.43 -15.23
C LEU B 62 -21.41 -15.77 -14.92
N PRO B 63 -22.31 -15.64 -15.90
CA PRO B 63 -23.70 -16.09 -15.67
C PRO B 63 -23.81 -17.49 -15.06
N SER B 64 -22.89 -18.41 -15.38
CA SER B 64 -22.94 -19.74 -14.82
C SER B 64 -22.70 -19.77 -13.32
N GLN B 65 -22.27 -18.66 -12.71
CA GLN B 65 -22.00 -18.59 -11.27
C GLN B 65 -23.11 -17.87 -10.51
N GLU B 66 -24.24 -17.61 -11.14
CA GLU B 66 -25.32 -16.89 -10.49
C GLU B 66 -25.62 -17.39 -9.07
N ASP B 67 -25.81 -18.69 -8.87
CA ASP B 67 -26.31 -19.10 -7.56
C ASP B 67 -25.24 -18.84 -6.49
N LYS B 68 -23.96 -19.05 -6.83
CA LYS B 68 -22.88 -18.78 -5.90
C LYS B 68 -22.79 -17.29 -5.58
N LEU B 69 -22.91 -16.42 -6.60
CA LEU B 69 -22.88 -15.00 -6.38
C LEU B 69 -24.04 -14.56 -5.51
N THR B 70 -25.21 -15.16 -5.72
CA THR B 70 -26.39 -14.76 -4.94
C THR B 70 -26.23 -15.16 -3.48
N GLU B 71 -25.73 -16.38 -3.24
CA GLU B 71 -25.50 -16.80 -1.87
C GLU B 71 -24.41 -15.97 -1.21
N LEU B 72 -23.29 -15.71 -1.91
CA LEU B 72 -22.20 -14.93 -1.33
C LEU B 72 -22.67 -13.52 -0.98
N ALA B 73 -23.50 -12.93 -1.85
CA ALA B 73 -23.96 -11.56 -1.65
C ALA B 73 -24.90 -11.46 -0.46
N LYS B 74 -25.77 -12.47 -0.28
CA LYS B 74 -26.66 -12.49 0.89
C LYS B 74 -25.86 -12.64 2.16
N ASP B 75 -24.89 -13.55 2.15
CA ASP B 75 -24.02 -13.77 3.29
C ASP B 75 -23.27 -12.51 3.67
N MET B 76 -22.66 -11.82 2.69
CA MET B 76 -21.90 -10.61 3.00
C MET B 76 -22.83 -9.48 3.44
N SER B 77 -23.95 -9.31 2.75
CA SER B 77 -24.93 -8.32 3.17
C SER B 77 -25.33 -8.51 4.62
N GLU B 78 -25.49 -9.75 5.05
CA GLU B 78 -25.90 -10.00 6.43
C GLU B 78 -24.77 -9.77 7.39
N ARG B 79 -23.57 -10.25 7.05
CA ARG B 79 -22.44 -10.17 7.98
C ARG B 79 -21.96 -8.74 8.20
N PHE B 80 -22.03 -7.87 7.17
CA PHE B 80 -21.35 -6.59 7.18
C PHE B 80 -22.30 -5.41 7.09
N GLY B 81 -23.57 -5.65 6.83
CA GLY B 81 -24.55 -4.56 6.92
C GLY B 81 -24.55 -3.59 5.78
N THR B 82 -23.90 -3.91 4.67
CA THR B 82 -23.92 -3.06 3.49
C THR B 82 -24.72 -3.74 2.38
N ASN B 83 -24.97 -2.98 1.31
CA ASN B 83 -25.66 -3.52 0.13
C ASN B 83 -24.62 -4.23 -0.75
N VAL B 84 -24.49 -5.56 -0.55
CA VAL B 84 -23.73 -6.43 -1.48
C VAL B 84 -24.73 -7.14 -2.40
N ILE B 85 -24.59 -6.94 -3.70
CA ILE B 85 -25.47 -7.54 -4.69
C ILE B 85 -24.70 -8.45 -5.65
N ALA B 86 -25.46 -9.28 -6.39
CA ALA B 86 -24.89 -10.17 -7.41
C ALA B 86 -25.30 -9.68 -8.80
N LEU B 87 -24.33 -9.59 -9.70
CA LEU B 87 -24.59 -9.17 -11.08
C LEU B 87 -23.75 -10.06 -11.99
N THR B 88 -24.42 -10.98 -12.68
CA THR B 88 -23.75 -11.84 -13.63
C THR B 88 -23.37 -11.02 -14.86
N CYS B 89 -22.22 -11.33 -15.43
CA CYS B 89 -21.86 -10.72 -16.69
C CYS B 89 -20.69 -11.52 -17.24
N ASP B 90 -20.78 -11.91 -18.52
CA ASP B 90 -19.65 -12.40 -19.31
C ASP B 90 -19.07 -11.19 -20.03
N VAL B 91 -17.89 -10.74 -19.59
CA VAL B 91 -17.40 -9.44 -20.06
C VAL B 91 -16.81 -9.52 -21.46
N THR B 92 -16.66 -10.73 -22.02
CA THR B 92 -16.34 -10.86 -23.43
C THR B 92 -17.55 -10.64 -24.33
N ASP B 93 -18.72 -10.44 -23.75
CA ASP B 93 -19.93 -10.13 -24.51
C ASP B 93 -20.20 -8.64 -24.34
N THR B 94 -20.10 -7.90 -25.43
CA THR B 94 -20.19 -6.44 -25.35
C THR B 94 -21.51 -6.00 -24.75
N VAL B 95 -22.60 -6.61 -25.24
CA VAL B 95 -23.94 -6.22 -24.82
C VAL B 95 -24.12 -6.46 -23.33
N GLN B 96 -23.56 -7.54 -22.82
CA GLN B 96 -23.69 -7.78 -21.38
C GLN B 96 -22.92 -6.73 -20.58
N VAL B 97 -21.76 -6.30 -21.06
CA VAL B 97 -20.99 -5.25 -20.38
C VAL B 97 -21.75 -3.93 -20.43
N ALA B 98 -22.40 -3.62 -21.57
CA ALA B 98 -23.25 -2.46 -21.61
C ALA B 98 -24.40 -2.58 -20.62
N GLU B 99 -24.93 -3.79 -20.42
CA GLU B 99 -26.01 -3.97 -19.46
C GLU B 99 -25.51 -3.84 -18.04
N LEU B 100 -24.31 -4.37 -17.77
CA LEU B 100 -23.67 -4.21 -16.46
C LEU B 100 -23.51 -2.75 -16.07
N LYS B 101 -23.05 -1.92 -17.00
CA LYS B 101 -22.95 -0.48 -16.72
C LYS B 101 -24.29 0.05 -16.21
N THR B 102 -25.37 -0.25 -16.94
CA THR B 102 -26.71 0.20 -16.54
C THR B 102 -27.10 -0.31 -15.17
N GLN B 103 -26.90 -1.60 -14.91
CA GLN B 103 -27.34 -2.17 -13.63
C GLN B 103 -26.48 -1.71 -12.45
N LEU B 104 -25.18 -1.48 -12.67
CA LEU B 104 -24.34 -0.88 -11.61
C LEU B 104 -24.92 0.45 -11.17
N VAL B 105 -25.21 1.33 -12.14
CA VAL B 105 -25.79 2.62 -11.80
C VAL B 105 -27.15 2.43 -11.13
N GLU B 106 -27.99 1.56 -11.70
CA GLU B 106 -29.37 1.48 -11.21
C GLU B 106 -29.47 0.75 -9.89
N GLN B 107 -28.61 -0.21 -9.63
CA GLN B 107 -28.69 -1.00 -8.39
C GLN B 107 -27.73 -0.55 -7.31
N LEU B 108 -26.54 -0.03 -7.68
CA LEU B 108 -25.61 0.49 -6.67
C LEU B 108 -25.80 1.97 -6.43
N GLY B 109 -26.03 2.74 -7.49
CA GLY B 109 -26.13 4.18 -7.38
C GLY B 109 -24.99 4.80 -8.17
N THR B 110 -23.76 4.36 -7.88
CA THR B 110 -22.58 4.83 -8.62
C THR B 110 -21.45 3.84 -8.43
N VAL B 111 -20.30 4.14 -9.06
CA VAL B 111 -19.11 3.31 -8.91
C VAL B 111 -17.95 4.20 -8.49
N ASP B 112 -17.37 3.90 -7.30
CA ASP B 112 -16.21 4.59 -6.76
C ASP B 112 -14.94 3.76 -6.89
N PHE B 113 -15.07 2.45 -7.04
CA PHE B 113 -13.91 1.56 -7.10
C PHE B 113 -14.26 0.34 -7.94
N ALA B 114 -13.29 -0.21 -8.63
CA ALA B 114 -13.47 -1.48 -9.34
C ALA B 114 -12.19 -2.30 -9.20
N PHE B 115 -12.36 -3.52 -8.78
CA PHE B 115 -11.29 -4.52 -8.76
C PHE B 115 -11.49 -5.40 -9.98
N LEU B 116 -10.69 -5.17 -11.02
CA LEU B 116 -10.80 -5.93 -12.29
C LEU B 116 -9.84 -7.11 -12.15
N ASN B 117 -10.43 -8.19 -11.69
CA ASN B 117 -9.74 -9.40 -11.24
C ASN B 117 -9.88 -10.39 -12.39
N ALA B 118 -8.88 -10.38 -13.28
CA ALA B 118 -8.92 -11.15 -14.52
C ALA B 118 -8.38 -12.56 -14.34
N GLY B 119 -8.98 -13.51 -15.05
CA GLY B 119 -8.52 -14.89 -15.06
C GLY B 119 -7.71 -15.22 -16.30
N VAL B 120 -6.63 -15.98 -16.10
CA VAL B 120 -5.81 -16.49 -17.19
C VAL B 120 -6.06 -18.00 -17.38
N GLU B 131 -0.55 -22.92 -28.39
CA GLU B 131 -0.58 -22.77 -29.85
C GLU B 131 -1.00 -21.34 -30.20
N GLU B 132 -1.75 -21.18 -31.29
CA GLU B 132 -2.35 -19.89 -31.65
C GLU B 132 -3.75 -19.73 -31.10
N VAL B 133 -4.29 -20.77 -30.44
CA VAL B 133 -5.53 -20.63 -29.68
C VAL B 133 -5.31 -19.74 -28.46
N TRP B 134 -4.14 -19.87 -27.81
CA TRP B 134 -3.88 -19.07 -26.63
C TRP B 134 -3.83 -17.59 -26.96
N THR B 135 -3.17 -17.23 -28.06
CA THR B 135 -3.09 -15.83 -28.44
C THR B 135 -4.46 -15.25 -28.76
N ARG B 136 -5.38 -16.07 -29.27
CA ARG B 136 -6.72 -15.60 -29.54
C ARG B 136 -7.48 -15.37 -28.24
N THR B 137 -7.32 -16.27 -27.27
CA THR B 137 -8.07 -16.18 -26.04
C THR B 137 -7.46 -15.20 -25.05
N ILE B 138 -6.17 -14.93 -25.17
CA ILE B 138 -5.56 -13.85 -24.41
C ILE B 138 -6.17 -12.52 -24.82
N ASN B 139 -6.25 -12.28 -26.13
CA ASN B 139 -6.78 -11.02 -26.63
C ASN B 139 -8.24 -10.86 -26.30
N ILE B 140 -8.98 -11.96 -26.27
CA ILE B 140 -10.40 -11.87 -25.98
C ILE B 140 -10.59 -11.48 -24.53
N ASN B 141 -9.81 -12.09 -23.64
CA ASN B 141 -10.00 -11.83 -22.21
C ASN B 141 -9.45 -10.47 -21.82
N LEU B 142 -8.44 -9.97 -22.53
CA LEU B 142 -7.88 -8.66 -22.26
C LEU B 142 -8.88 -7.58 -22.66
N ASN B 143 -9.50 -7.75 -23.82
CA ASN B 143 -10.54 -6.80 -24.20
C ASN B 143 -11.69 -6.83 -23.22
N GLY B 144 -12.01 -7.98 -22.66
CA GLY B 144 -13.01 -8.03 -21.61
C GLY B 144 -12.60 -7.22 -20.40
N THR B 145 -11.35 -7.40 -19.95
CA THR B 145 -10.83 -6.58 -18.87
C THR B 145 -10.85 -5.11 -19.24
N TYR B 146 -10.42 -4.78 -20.46
CA TYR B 146 -10.34 -3.38 -20.82
C TYR B 146 -11.70 -2.73 -20.78
N ARG B 147 -12.72 -3.40 -21.32
CA ARG B 147 -14.02 -2.77 -21.43
C ARG B 147 -14.69 -2.68 -20.07
N THR B 148 -14.29 -3.54 -19.15
CA THR B 148 -14.90 -3.47 -17.83
C THR B 148 -14.30 -2.32 -17.03
N GLY B 149 -12.99 -2.11 -17.12
CA GLY B 149 -12.39 -0.92 -16.58
C GLY B 149 -12.93 0.33 -17.23
N ARG B 150 -13.17 0.29 -18.55
CA ARG B 150 -13.69 1.45 -19.25
C ARG B 150 -15.06 1.89 -18.71
N ILE B 151 -15.97 0.93 -18.52
CA ILE B 151 -17.28 1.37 -18.03
C ILE B 151 -17.14 1.86 -16.59
N ALA B 152 -16.14 1.38 -15.87
CA ALA B 152 -15.99 1.82 -14.49
C ALA B 152 -15.64 3.30 -14.45
N HIS B 153 -14.69 3.72 -15.27
CA HIS B 153 -14.29 5.10 -15.26
C HIS B 153 -15.22 5.98 -16.07
N GLU B 154 -16.02 5.43 -16.97
CA GLU B 154 -17.09 6.25 -17.56
C GLU B 154 -18.14 6.65 -16.52
N ILE B 155 -18.52 5.71 -15.67
CA ILE B 155 -19.47 6.02 -14.60
C ILE B 155 -18.91 7.09 -13.68
N MET B 156 -17.67 6.91 -13.24
CA MET B 156 -17.00 7.92 -12.42
C MET B 156 -17.09 9.30 -13.07
N ARG B 157 -16.65 9.40 -14.33
CA ARG B 157 -16.72 10.68 -15.02
C ARG B 157 -18.14 11.19 -15.14
N GLU B 158 -19.09 10.31 -15.47
CA GLU B 158 -20.45 10.75 -15.70
C GLU B 158 -21.10 11.24 -14.44
N HIS B 159 -20.66 10.75 -13.31
CA HIS B 159 -21.18 11.20 -12.03
C HIS B 159 -20.30 12.25 -11.37
N GLY B 160 -19.30 12.76 -12.09
CA GLY B 160 -18.51 13.89 -11.60
C GLY B 160 -17.72 13.66 -10.33
N HIS B 161 -17.16 12.47 -10.15
CA HIS B 161 -16.34 12.19 -8.98
C HIS B 161 -15.20 11.25 -9.38
N GLY B 162 -14.21 11.10 -8.49
CA GLY B 162 -13.08 10.25 -8.74
C GLY B 162 -13.35 8.78 -8.40
N GLY B 163 -12.27 8.00 -8.36
CA GLY B 163 -12.38 6.60 -7.99
C GLY B 163 -11.03 5.90 -8.08
N SER B 164 -11.07 4.59 -7.85
CA SER B 164 -9.86 3.75 -7.86
C SER B 164 -10.13 2.48 -8.67
N LEU B 165 -9.33 2.28 -9.72
CA LEU B 165 -9.29 1.05 -10.52
C LEU B 165 -8.10 0.20 -10.13
N ILE B 166 -8.37 -1.08 -9.87
CA ILE B 166 -7.34 -2.04 -9.49
C ILE B 166 -7.42 -3.22 -10.45
N PHE B 167 -6.34 -3.46 -11.18
CA PHE B 167 -6.23 -4.55 -12.12
C PHE B 167 -5.33 -5.63 -11.56
N THR B 168 -5.79 -6.89 -11.64
CA THR B 168 -4.86 -8.01 -11.49
C THR B 168 -5.20 -9.16 -12.44
N ALA B 169 -4.20 -10.02 -12.61
CA ALA B 169 -4.30 -11.24 -13.41
C ALA B 169 -3.78 -12.41 -12.58
N SER B 170 -4.51 -13.51 -12.60
CA SER B 170 -4.09 -14.74 -11.91
C SER B 170 -4.46 -15.94 -12.79
N LEU B 171 -4.02 -17.13 -12.35
CA LEU B 171 -4.25 -18.36 -13.11
C LEU B 171 -5.56 -19.07 -12.81
N VAL B 186 2.51 -19.61 -18.98
CA VAL B 186 3.82 -19.08 -18.57
C VAL B 186 4.21 -17.92 -19.48
N ASN B 187 4.20 -18.15 -20.79
CA ASN B 187 4.20 -17.04 -21.73
C ASN B 187 2.87 -16.32 -21.68
N ALA B 188 1.79 -17.07 -21.50
CA ALA B 188 0.45 -16.48 -21.52
C ALA B 188 0.26 -15.51 -20.37
N TYR B 189 0.64 -15.90 -19.15
CA TYR B 189 0.52 -14.99 -18.02
C TYR B 189 1.47 -13.80 -18.17
N GLY B 190 2.69 -14.03 -18.64
CA GLY B 190 3.63 -12.93 -18.81
C GLY B 190 3.15 -11.88 -19.79
N ALA B 191 2.50 -12.32 -20.87
CA ALA B 191 2.06 -11.41 -21.92
C ALA B 191 0.83 -10.64 -21.50
N THR B 192 -0.08 -11.35 -20.83
CA THR B 192 -1.24 -10.77 -20.19
C THR B 192 -0.84 -9.79 -19.09
N LYS B 193 0.13 -10.16 -18.26
CA LYS B 193 0.62 -9.28 -17.20
C LYS B 193 1.24 -8.02 -17.77
N ALA B 194 2.03 -8.13 -18.82
CA ALA B 194 2.65 -6.94 -19.39
C ALA B 194 1.61 -6.03 -19.98
N ALA B 195 0.59 -6.61 -20.63
CA ALA B 195 -0.42 -5.79 -21.30
C ALA B 195 -1.26 -5.00 -20.29
N ILE B 196 -1.76 -5.66 -19.27
CA ILE B 196 -2.53 -5.02 -18.22
C ILE B 196 -1.73 -3.92 -17.54
N MET B 197 -0.45 -4.20 -17.24
CA MET B 197 0.38 -3.18 -16.58
C MET B 197 0.55 -1.94 -17.45
N GLU B 198 0.86 -2.09 -18.73
CA GLU B 198 0.89 -0.91 -19.58
C GLU B 198 -0.47 -0.24 -19.66
N HIS B 199 -1.54 -1.03 -19.58
CA HIS B 199 -2.87 -0.47 -19.71
C HIS B 199 -3.17 0.44 -18.54
N SER B 200 -2.87 -0.06 -17.32
CA SER B 200 -3.05 0.70 -16.10
C SER B 200 -2.14 1.94 -16.05
N ARG B 201 -0.93 1.86 -16.58
N ARG B 201 -0.94 1.87 -16.59
CA ARG B 201 -0.06 3.04 -16.60
CA ARG B 201 -0.08 3.05 -16.58
C ARG B 201 -0.73 4.16 -17.39
C ARG B 201 -0.71 4.17 -17.39
N TYR B 202 -1.21 3.87 -18.59
CA TYR B 202 -1.82 4.91 -19.40
C TYR B 202 -3.07 5.45 -18.71
N LEU B 203 -3.92 4.56 -18.14
CA LEU B 203 -5.11 5.05 -17.46
C LEU B 203 -4.75 6.00 -16.34
N ALA B 204 -3.70 5.64 -15.57
CA ALA B 204 -3.24 6.46 -14.45
C ALA B 204 -2.85 7.85 -14.93
N ALA B 205 -2.12 7.91 -16.04
CA ALA B 205 -1.75 9.21 -16.55
C ALA B 205 -2.94 9.97 -17.08
N ALA B 206 -3.83 9.30 -17.81
CA ALA B 206 -4.88 10.00 -18.54
C ALA B 206 -6.07 10.41 -17.67
N LEU B 207 -6.30 9.73 -16.56
CA LEU B 207 -7.48 9.92 -15.73
C LEU B 207 -7.18 10.57 -14.39
N ALA B 208 -5.89 10.72 -14.04
CA ALA B 208 -5.50 11.41 -12.81
C ALA B 208 -6.24 12.73 -12.60
N LYS B 209 -6.49 13.45 -13.69
CA LYS B 209 -7.11 14.75 -13.57
C LYS B 209 -8.61 14.66 -13.34
N ASP B 210 -9.23 13.57 -13.74
CA ASP B 210 -10.63 13.32 -13.38
C ASP B 210 -10.75 12.77 -11.96
N GLY B 211 -9.68 12.78 -11.17
CA GLY B 211 -9.66 12.15 -9.85
C GLY B 211 -9.61 10.64 -9.81
N ILE B 212 -9.25 9.96 -10.92
CA ILE B 212 -9.36 8.52 -10.99
C ILE B 212 -7.95 7.94 -10.97
N ARG B 213 -7.69 7.05 -10.02
CA ARG B 213 -6.41 6.37 -9.94
C ARG B 213 -6.52 4.96 -10.56
N SER B 214 -5.39 4.46 -11.03
CA SER B 214 -5.31 3.12 -11.62
C SER B 214 -4.03 2.43 -11.14
N ASN B 215 -4.16 1.24 -10.60
CA ASN B 215 -3.00 0.50 -10.14
C ASN B 215 -3.21 -0.98 -10.38
N THR B 216 -2.15 -1.75 -10.21
CA THR B 216 -2.19 -3.19 -10.35
C THR B 216 -1.70 -3.84 -9.07
N ILE B 217 -2.20 -5.05 -8.80
CA ILE B 217 -1.64 -5.94 -7.81
C ILE B 217 -1.11 -7.16 -8.53
N SER B 218 0.13 -7.54 -8.23
CA SER B 218 0.82 -8.68 -8.83
C SER B 218 1.01 -9.76 -7.78
N PRO B 219 0.06 -10.67 -7.62
CA PRO B 219 0.17 -11.71 -6.59
C PRO B 219 1.17 -12.77 -7.02
N GLY B 220 1.81 -13.38 -6.00
CA GLY B 220 2.71 -14.51 -6.18
C GLY B 220 1.90 -15.78 -6.06
N TYR B 221 2.42 -16.78 -5.34
CA TYR B 221 1.68 -18.04 -5.16
C TYR B 221 0.67 -17.88 -4.01
N VAL B 222 -0.61 -18.02 -4.31
CA VAL B 222 -1.64 -17.90 -3.30
C VAL B 222 -2.43 -19.20 -3.25
N TRP B 223 -2.63 -19.70 -2.04
CA TRP B 223 -3.44 -20.89 -1.84
C TRP B 223 -4.87 -20.68 -2.29
N SER B 224 -5.41 -21.72 -2.95
CA SER B 224 -6.76 -21.72 -3.49
C SER B 224 -7.48 -23.06 -3.32
N GLY B 225 -6.84 -24.08 -2.74
CA GLY B 225 -7.46 -25.37 -2.47
C GLY B 225 -7.06 -26.45 -3.46
N ILE B 226 -7.36 -27.71 -3.07
CA ILE B 226 -7.17 -28.88 -3.91
C ILE B 226 -8.48 -29.18 -4.64
N PHE B 227 -8.39 -29.80 -5.81
CA PHE B 227 -9.53 -29.95 -6.73
C PHE B 227 -9.71 -31.36 -7.29
N HIS B 236 4.26 -28.39 -5.17
CA HIS B 236 4.29 -27.62 -3.94
C HIS B 236 5.70 -27.44 -3.38
N ASP B 237 6.26 -28.55 -2.91
CA ASP B 237 7.51 -28.49 -2.15
C ASP B 237 8.58 -27.74 -2.94
N ALA B 238 8.54 -27.85 -4.26
CA ALA B 238 9.55 -27.22 -5.10
C ALA B 238 9.38 -25.71 -5.10
N MET B 239 8.21 -25.23 -5.53
CA MET B 239 8.00 -23.79 -5.69
C MET B 239 8.10 -23.02 -4.38
N LEU B 240 7.97 -23.68 -3.23
CA LEU B 240 8.12 -22.98 -1.95
C LEU B 240 9.56 -22.77 -1.54
N GLU B 241 10.50 -23.56 -2.05
CA GLU B 241 11.91 -23.25 -1.83
C GLU B 241 12.32 -21.99 -2.58
N VAL B 242 11.56 -21.62 -3.61
CA VAL B 242 11.79 -20.38 -4.33
C VAL B 242 11.36 -19.16 -3.49
N VAL B 243 10.38 -19.33 -2.61
CA VAL B 243 9.71 -18.20 -1.95
C VAL B 243 10.41 -17.94 -0.62
N PRO B 244 11.05 -16.78 -0.44
CA PRO B 244 11.76 -16.54 0.83
C PRO B 244 10.92 -16.70 2.08
N MET B 245 9.62 -16.39 2.04
CA MET B 245 8.80 -16.63 3.23
C MET B 245 8.46 -18.10 3.39
N HIS B 246 8.72 -18.93 2.38
CA HIS B 246 8.55 -20.39 2.47
C HIS B 246 7.12 -20.76 2.82
N ARG B 247 6.16 -20.08 2.19
CA ARG B 247 4.75 -20.41 2.33
C ARG B 247 4.03 -19.71 1.20
N PHE B 248 2.79 -20.16 0.98
CA PHE B 248 1.87 -19.52 0.06
C PHE B 248 1.21 -18.34 0.75
N GLY B 249 0.73 -17.38 -0.05
CA GLY B 249 -0.18 -16.37 0.44
C GLY B 249 -1.59 -16.89 0.55
N THR B 250 -2.40 -16.21 1.34
CA THR B 250 -3.82 -16.47 1.42
C THR B 250 -4.63 -15.37 0.72
N ASN B 251 -5.90 -15.67 0.50
CA ASN B 251 -6.74 -14.73 -0.23
C ASN B 251 -6.86 -13.41 0.54
N ASP B 252 -6.82 -13.47 1.88
CA ASP B 252 -6.99 -12.26 2.68
C ASP B 252 -5.78 -11.34 2.58
N GLU B 253 -4.62 -11.86 2.17
CA GLU B 253 -3.43 -11.04 2.00
C GLU B 253 -3.43 -10.28 0.69
N ILE B 254 -4.21 -10.73 -0.28
CA ILE B 254 -4.47 -9.91 -1.46
C ILE B 254 -5.56 -8.91 -1.12
N ALA B 255 -6.57 -9.36 -0.36
CA ALA B 255 -7.74 -8.53 -0.09
C ALA B 255 -7.36 -7.28 0.70
N SER B 256 -6.42 -7.40 1.63
CA SER B 256 -6.00 -6.23 2.38
C SER B 256 -5.27 -5.23 1.49
N THR B 257 -4.57 -5.72 0.43
CA THR B 257 -3.89 -4.82 -0.52
C THR B 257 -4.87 -4.13 -1.47
N VAL B 258 -5.94 -4.82 -1.85
CA VAL B 258 -7.01 -4.19 -2.61
C VAL B 258 -7.65 -3.06 -1.80
N LEU B 259 -7.91 -3.31 -0.52
CA LEU B 259 -8.50 -2.28 0.34
C LEU B 259 -7.59 -1.05 0.46
N PHE B 260 -6.29 -1.26 0.63
CA PHE B 260 -5.38 -0.14 0.56
C PHE B 260 -5.55 0.68 -0.70
N LEU B 261 -5.54 0.01 -1.86
CA LEU B 261 -5.52 0.75 -3.12
C LEU B 261 -6.86 1.35 -3.44
N ALA B 262 -7.97 0.72 -2.96
CA ALA B 262 -9.30 1.26 -3.20
C ALA B 262 -9.63 2.40 -2.25
N SER B 263 -9.03 2.42 -1.05
CA SER B 263 -9.33 3.43 -0.03
C SER B 263 -8.53 4.71 -0.25
N ASP B 264 -8.92 5.77 0.49
CA ASP B 264 -8.20 7.04 0.41
C ASP B 264 -6.81 6.94 0.98
N ALA B 265 -6.49 5.89 1.76
CA ALA B 265 -5.14 5.71 2.25
C ALA B 265 -4.12 5.78 1.13
N SER B 266 -4.49 5.38 -0.08
CA SER B 266 -3.54 5.35 -1.20
C SER B 266 -3.78 6.50 -2.14
N SER B 267 -4.27 7.62 -1.60
CA SER B 267 -4.77 8.72 -2.43
C SER B 267 -3.70 9.33 -3.33
N TYR B 268 -2.41 9.15 -3.06
CA TYR B 268 -1.38 9.69 -3.98
C TYR B 268 -0.67 8.60 -4.78
N VAL B 269 -1.21 7.38 -4.75
CA VAL B 269 -0.66 6.20 -5.41
C VAL B 269 -1.43 5.98 -6.69
N THR B 270 -0.78 6.14 -7.83
CA THR B 270 -1.42 5.84 -9.10
C THR B 270 -0.35 5.50 -10.11
N GLY B 271 -0.66 4.56 -10.97
CA GLY B 271 0.26 4.21 -12.02
C GLY B 271 1.30 3.23 -11.59
N THR B 272 1.07 2.50 -10.51
CA THR B 272 2.10 1.67 -9.97
C THR B 272 1.53 0.29 -9.69
N ASP B 273 2.34 -0.56 -9.07
CA ASP B 273 2.07 -1.98 -8.87
C ASP B 273 2.47 -2.31 -7.44
N ILE B 274 1.70 -3.17 -6.80
CA ILE B 274 2.12 -3.73 -5.53
C ILE B 274 2.32 -5.23 -5.72
N ARG B 275 3.55 -5.71 -5.56
N ARG B 275 3.55 -5.70 -5.55
CA ARG B 275 3.84 -7.14 -5.60
CA ARG B 275 3.83 -7.13 -5.58
C ARG B 275 3.53 -7.74 -4.24
C ARG B 275 3.53 -7.74 -4.24
N VAL B 276 2.69 -8.77 -4.23
CA VAL B 276 2.29 -9.46 -3.01
C VAL B 276 2.66 -10.92 -3.18
N ASP B 277 3.95 -11.26 -3.00
CA ASP B 277 4.50 -12.51 -3.47
C ASP B 277 5.46 -13.18 -2.51
N GLY B 278 5.46 -12.81 -1.24
CA GLY B 278 6.30 -13.46 -0.25
C GLY B 278 7.78 -13.28 -0.48
N GLY B 279 8.15 -12.35 -1.36
CA GLY B 279 9.54 -12.19 -1.72
C GLY B 279 9.95 -12.90 -3.01
N TYR B 280 9.02 -13.65 -3.66
CA TYR B 280 9.33 -14.45 -4.85
CA TYR B 280 9.32 -14.45 -4.83
C TYR B 280 10.25 -13.75 -5.80
N SER B 281 9.96 -12.47 -6.08
CA SER B 281 10.73 -11.71 -7.05
C SER B 281 12.13 -11.38 -6.55
N VAL B 282 12.34 -11.47 -5.24
CA VAL B 282 13.59 -11.17 -4.57
C VAL B 282 14.20 -12.46 -4.03
#